data_8GVL
#
_entry.id   8GVL
#
_cell.length_a   41.452
_cell.length_b   105.443
_cell.length_c   162.302
_cell.angle_alpha   90.000
_cell.angle_beta   90.000
_cell.angle_gamma   90.000
#
_symmetry.space_group_name_H-M   'P 21 21 21'
#
loop_
_entity.id
_entity.type
_entity.pdbx_description
1 polymer 'Tyrosine-protein phosphatase non-receptor type 21'
2 non-polymer (4S)-2-METHYL-2,4-PENTANEDIOL
3 water water
#
_entity_poly.entity_id   1
_entity_poly.type   'polypeptide(L)'
_entity_poly.pdbx_seq_one_letter_code
;SSKSCLVARIQLLNNEFVEFTLSVESTGQESLEAVAQRLELREVTYFSLWYYNKQNQRRWVDLEKPLKKQLDKYALEPTV
YFGVVFYVPSVSQLQQEITRYQYYLQLKKDILEGSIPCTLEQAIQLAGLAVQADFGDFDQYESQDFLQKFALFPVGWLQD
EKVLEEATQKVALLHQKYRGLTAPDAEMLYMQEVERMDGYGEESYPAKDSQGSDISIGACLEGIFVKHKNGRHPVVFRWH
DIANMSHNKSFFALELANKEETIQFQTEDMETAKYIWRLCVARHKFYRLNQCNLQTQTVTV
;
_entity_poly.pdbx_strand_id   A,B
#
loop_
_chem_comp.id
_chem_comp.type
_chem_comp.name
_chem_comp.formula
MPD non-polymer (4S)-2-METHYL-2,4-PENTANEDIOL 'C6 H14 O2'
#
# COMPACT_ATOMS: atom_id res chain seq x y z
N VAL A 7 -1.79 -14.70 10.28
CA VAL A 7 -0.65 -15.29 9.59
C VAL A 7 0.68 -14.64 10.02
N ALA A 8 0.61 -13.56 10.81
CA ALA A 8 1.76 -12.67 11.01
C ALA A 8 2.11 -12.50 12.48
N ARG A 9 3.37 -12.16 12.72
CA ARG A 9 3.87 -11.84 14.05
C ARG A 9 4.55 -10.48 14.01
N ILE A 10 4.17 -9.60 14.94
CA ILE A 10 4.69 -8.23 15.02
C ILE A 10 5.18 -8.00 16.45
N GLN A 11 6.40 -7.50 16.58
CA GLN A 11 6.89 -7.07 17.87
C GLN A 11 6.62 -5.57 18.02
N LEU A 12 5.86 -5.21 19.03
CA LEU A 12 5.55 -3.81 19.27
C LEU A 12 6.69 -3.13 20.03
N LEU A 13 6.57 -1.81 20.16
CA LEU A 13 7.65 -1.04 20.76
C LEU A 13 7.79 -1.29 22.26
N ASN A 14 6.78 -1.84 22.89
CA ASN A 14 6.88 -2.32 24.27
C ASN A 14 7.47 -3.72 24.36
N ASN A 15 8.03 -4.24 23.25
CA ASN A 15 8.69 -5.54 23.17
C ASN A 15 7.72 -6.72 23.27
N GLU A 16 6.42 -6.45 23.25
CA GLU A 16 5.42 -7.50 23.27
C GLU A 16 5.16 -8.00 21.85
N PHE A 17 5.12 -9.31 21.69
CA PHE A 17 4.78 -9.92 20.41
C PHE A 17 3.27 -10.10 20.31
N VAL A 18 2.68 -9.59 19.24
CA VAL A 18 1.28 -9.82 18.94
C VAL A 18 1.17 -10.59 17.63
N GLU A 19 0.25 -11.54 17.60
CA GLU A 19 -0.06 -12.29 16.39
C GLU A 19 -1.20 -11.56 15.69
N PHE A 20 -1.03 -11.31 14.39
CA PHE A 20 -2.03 -10.57 13.62
C PHE A 20 -2.47 -11.41 12.43
N THR A 21 -3.78 -11.68 12.35
CA THR A 21 -4.36 -12.49 11.29
C THR A 21 -4.90 -11.55 10.22
N LEU A 22 -4.17 -11.44 9.11
CA LEU A 22 -4.57 -10.60 7.99
C LEU A 22 -4.68 -11.45 6.74
N SER A 23 -5.15 -10.82 5.66
CA SER A 23 -5.40 -11.52 4.41
C SER A 23 -4.09 -12.03 3.81
N VAL A 24 -4.21 -12.70 2.66
CA VAL A 24 -3.03 -13.26 2.00
C VAL A 24 -2.21 -12.15 1.37
N GLU A 25 -2.82 -11.42 0.42
CA GLU A 25 -2.14 -10.38 -0.33
C GLU A 25 -2.27 -8.99 0.29
N SER A 26 -2.52 -8.91 1.60
CA SER A 26 -2.65 -7.61 2.24
C SER A 26 -1.31 -6.88 2.26
N THR A 27 -1.36 -5.55 2.11
CA THR A 27 -0.18 -4.73 1.95
C THR A 27 0.48 -4.46 3.29
N GLY A 28 1.70 -3.92 3.22
CA GLY A 28 2.36 -3.46 4.44
C GLY A 28 1.63 -2.32 5.10
N GLN A 29 1.06 -1.42 4.29
CA GLN A 29 0.20 -0.37 4.82
C GLN A 29 -0.98 -0.95 5.59
N GLU A 30 -1.65 -1.96 5.02
CA GLU A 30 -2.79 -2.58 5.69
C GLU A 30 -2.40 -3.14 7.04
N SER A 31 -1.28 -3.87 7.11
CA SER A 31 -0.81 -4.37 8.38
C SER A 31 -0.45 -3.24 9.33
N LEU A 32 0.23 -2.20 8.82
CA LEU A 32 0.52 -1.04 9.65
C LEU A 32 -0.76 -0.41 10.20
N GLU A 33 -1.80 -0.31 9.38
CA GLU A 33 -3.04 0.30 9.85
C GLU A 33 -3.70 -0.54 10.94
N ALA A 34 -3.61 -1.86 10.83
CA ALA A 34 -4.24 -2.74 11.84
C ALA A 34 -3.52 -2.64 13.18
N VAL A 35 -2.19 -2.53 13.16
CA VAL A 35 -1.45 -2.27 14.39
C VAL A 35 -1.88 -0.95 15.00
N ALA A 36 -1.92 0.10 14.16
CA ALA A 36 -2.32 1.41 14.63
C ALA A 36 -3.70 1.36 15.25
N GLN A 37 -4.64 0.69 14.59
CA GLN A 37 -5.98 0.52 15.15
C GLN A 37 -5.92 -0.15 16.52
N ARG A 38 -5.10 -1.20 16.65
CA ARG A 38 -4.96 -1.86 17.94
C ARG A 38 -4.46 -0.91 19.01
N LEU A 39 -3.51 -0.06 18.68
CA LEU A 39 -2.93 0.87 19.64
C LEU A 39 -3.78 2.12 19.84
N GLU A 40 -4.93 2.20 19.16
CA GLU A 40 -5.68 3.45 19.05
C GLU A 40 -4.76 4.61 18.62
N LEU A 41 -3.78 4.30 17.77
CA LEU A 41 -2.85 5.29 17.26
C LEU A 41 -3.45 5.98 16.04
N ARG A 42 -3.59 7.31 16.10
CA ARG A 42 -4.23 8.01 15.00
C ARG A 42 -3.23 8.68 14.07
N GLU A 43 -2.01 8.95 14.53
CA GLU A 43 -1.00 9.60 13.71
C GLU A 43 -0.04 8.51 13.23
N VAL A 44 -0.48 7.79 12.21
CA VAL A 44 0.24 6.60 11.77
C VAL A 44 1.37 6.95 10.82
N THR A 45 1.36 8.16 10.25
CA THR A 45 2.27 8.48 9.16
C THR A 45 3.74 8.45 9.60
N TYR A 46 4.03 8.70 10.88
CA TYR A 46 5.40 8.64 11.36
C TYR A 46 5.96 7.23 11.46
N PHE A 47 5.11 6.21 11.37
CA PHE A 47 5.50 4.86 11.76
C PHE A 47 5.47 3.93 10.56
N SER A 48 6.19 2.82 10.68
CA SER A 48 6.15 1.77 9.67
C SER A 48 6.59 0.48 10.32
N LEU A 49 6.88 -0.51 9.49
CA LEU A 49 7.31 -1.82 9.96
C LEU A 49 8.63 -2.16 9.30
N TRP A 50 9.50 -2.85 10.03
CA TRP A 50 10.74 -3.36 9.45
C TRP A 50 10.90 -4.84 9.77
N TYR A 51 11.80 -5.50 9.04
CA TYR A 51 12.11 -6.90 9.24
C TYR A 51 13.61 -7.11 9.14
N TYR A 52 14.07 -8.26 9.62
CA TYR A 52 15.44 -8.72 9.39
C TYR A 52 15.50 -9.46 8.06
N ASN A 53 16.38 -9.01 7.16
CA ASN A 53 16.44 -9.64 5.84
C ASN A 53 17.27 -10.93 5.92
N LYS A 54 17.65 -11.48 4.77
CA LYS A 54 18.32 -12.77 4.77
C LYS A 54 19.74 -12.71 5.31
N GLN A 55 20.29 -11.50 5.46
CA GLN A 55 21.58 -11.28 6.09
C GLN A 55 21.42 -10.69 7.49
N ASN A 56 20.19 -10.62 7.97
CA ASN A 56 19.87 -10.04 9.29
C ASN A 56 20.17 -8.54 9.32
N GLN A 57 20.06 -7.87 8.17
CA GLN A 57 20.06 -6.42 8.13
C GLN A 57 18.63 -5.92 8.24
N ARG A 58 18.43 -4.81 8.93
CA ARG A 58 17.09 -4.28 9.13
C ARG A 58 16.66 -3.52 7.89
N ARG A 59 15.45 -3.82 7.42
CA ARG A 59 14.90 -3.17 6.24
C ARG A 59 13.44 -2.81 6.52
N TRP A 60 13.12 -1.53 6.33
CA TRP A 60 11.72 -1.09 6.34
C TRP A 60 10.93 -1.75 5.22
N VAL A 61 9.66 -2.08 5.51
CA VAL A 61 8.86 -2.69 4.46
C VAL A 61 8.49 -1.64 3.41
N ASP A 62 8.18 -2.14 2.21
CA ASP A 62 7.51 -1.33 1.19
C ASP A 62 6.01 -1.34 1.52
N LEU A 63 5.52 -0.25 2.09
CA LEU A 63 4.16 -0.23 2.59
C LEU A 63 3.12 -0.39 1.47
N GLU A 64 3.48 -0.05 0.23
CA GLU A 64 2.53 -0.13 -0.87
C GLU A 64 2.63 -1.42 -1.65
N LYS A 65 3.12 -2.49 -1.03
CA LYS A 65 3.17 -3.78 -1.70
C LYS A 65 2.72 -4.86 -0.73
N PRO A 66 2.22 -5.99 -1.25
CA PRO A 66 1.85 -7.11 -0.37
C PRO A 66 3.00 -7.49 0.57
N LEU A 67 2.67 -7.68 1.85
CA LEU A 67 3.69 -7.90 2.88
C LEU A 67 4.19 -9.33 2.90
N LYS A 68 3.29 -10.32 2.78
CA LYS A 68 3.68 -11.72 2.78
C LYS A 68 4.80 -11.97 1.78
N LYS A 69 4.60 -11.55 0.53
CA LYS A 69 5.58 -11.82 -0.51
C LYS A 69 6.92 -11.16 -0.21
N GLN A 70 6.91 -10.00 0.44
CA GLN A 70 8.17 -9.39 0.89
C GLN A 70 8.86 -10.26 1.92
N LEU A 71 8.10 -10.80 2.87
CA LEU A 71 8.70 -11.63 3.91
C LEU A 71 9.13 -12.98 3.36
N ASP A 72 8.26 -13.63 2.58
CA ASP A 72 8.62 -14.90 1.95
C ASP A 72 9.93 -14.80 1.20
N LYS A 73 10.18 -13.66 0.55
CA LYS A 73 11.32 -13.51 -0.35
C LYS A 73 12.56 -12.96 0.35
N TYR A 74 12.42 -11.99 1.24
CA TYR A 74 13.59 -11.32 1.80
C TYR A 74 13.81 -11.54 3.29
N ALA A 75 12.82 -12.01 4.04
CA ALA A 75 12.97 -12.11 5.48
C ALA A 75 13.38 -13.51 5.87
N LEU A 76 14.25 -13.60 6.88
CA LEU A 76 14.61 -14.92 7.38
C LEU A 76 13.43 -15.58 8.07
N GLU A 77 12.64 -14.80 8.80
CA GLU A 77 11.50 -15.28 9.54
C GLU A 77 10.38 -14.27 9.42
N PRO A 78 9.11 -14.71 9.46
CA PRO A 78 7.99 -13.82 9.16
C PRO A 78 7.58 -12.92 10.33
N THR A 79 8.56 -12.20 10.88
CA THR A 79 8.34 -11.28 11.98
C THR A 79 8.67 -9.85 11.54
N VAL A 80 7.76 -8.92 11.79
CA VAL A 80 8.02 -7.51 11.54
C VAL A 80 8.03 -6.75 12.86
N TYR A 81 8.57 -5.54 12.81
CA TYR A 81 8.78 -4.73 14.02
C TYR A 81 8.17 -3.35 13.81
N PHE A 82 7.39 -2.90 14.78
CA PHE A 82 6.79 -1.57 14.71
C PHE A 82 7.87 -0.52 15.04
N GLY A 83 7.82 0.62 14.35
CA GLY A 83 8.81 1.65 14.68
C GLY A 83 8.56 2.96 13.98
N VAL A 84 9.38 3.94 14.34
CA VAL A 84 9.32 5.27 13.74
C VAL A 84 10.16 5.29 12.47
N VAL A 85 9.54 5.60 11.33
CA VAL A 85 10.30 5.72 10.07
C VAL A 85 10.63 7.20 9.79
N PHE A 86 9.75 8.11 10.21
CA PHE A 86 9.93 9.53 9.94
C PHE A 86 10.08 10.27 11.26
N TYR A 87 11.29 10.78 11.53
CA TYR A 87 11.59 11.48 12.77
C TYR A 87 11.33 12.98 12.60
N VAL A 88 10.65 13.58 13.59
CA VAL A 88 10.30 15.00 13.54
C VAL A 88 11.40 15.83 14.19
N PRO A 89 11.63 17.06 13.73
CA PRO A 89 12.60 17.90 14.43
C PRO A 89 12.17 18.24 15.85
N SER A 90 10.87 18.39 16.08
CA SER A 90 10.36 18.76 17.41
C SER A 90 9.16 17.89 17.70
N VAL A 91 9.23 17.11 18.79
CA VAL A 91 8.16 16.21 19.14
C VAL A 91 6.90 16.94 19.60
N SER A 92 6.97 18.25 19.84
CA SER A 92 5.75 19.01 20.08
C SER A 92 4.83 18.96 18.88
N GLN A 93 5.36 18.60 17.71
CA GLN A 93 4.50 18.45 16.56
C GLN A 93 3.57 17.23 16.67
N LEU A 94 3.90 16.27 17.53
CA LEU A 94 3.03 15.11 17.75
C LEU A 94 1.83 15.52 18.59
N GLN A 95 0.64 15.24 18.08
CA GLN A 95 -0.56 15.85 18.65
C GLN A 95 -1.13 15.07 19.83
N GLN A 96 -1.21 13.75 19.74
CA GLN A 96 -1.87 12.97 20.76
C GLN A 96 -0.89 12.23 21.66
N GLU A 97 -1.36 11.94 22.87
CA GLU A 97 -0.53 11.30 23.88
C GLU A 97 -0.11 9.90 23.47
N ILE A 98 -0.97 9.17 22.75
CA ILE A 98 -0.60 7.83 22.33
C ILE A 98 0.54 7.90 21.33
N THR A 99 0.47 8.86 20.39
CA THR A 99 1.58 9.07 19.46
C THR A 99 2.86 9.38 20.20
N ARG A 100 2.79 10.26 21.19
CA ARG A 100 3.97 10.67 21.93
C ARG A 100 4.53 9.50 22.72
N TYR A 101 3.66 8.66 23.27
CA TYR A 101 4.13 7.51 24.06
C TYR A 101 4.87 6.52 23.18
N GLN A 102 4.32 6.24 21.99
CA GLN A 102 4.99 5.32 21.08
C GLN A 102 6.31 5.89 20.62
N TYR A 103 6.32 7.17 20.25
CA TYR A 103 7.56 7.85 19.92
C TYR A 103 8.58 7.71 21.04
N TYR A 104 8.13 7.89 22.28
CA TYR A 104 8.99 7.81 23.45
C TYR A 104 9.61 6.42 23.60
N LEU A 105 8.80 5.38 23.43
CA LEU A 105 9.34 4.02 23.43
C LEU A 105 10.39 3.84 22.34
N GLN A 106 10.20 4.46 21.17
CA GLN A 106 11.18 4.25 20.07
C GLN A 106 12.49 4.95 20.43
N LEU A 107 12.41 6.17 20.96
CA LEU A 107 13.62 6.95 21.29
C LEU A 107 14.40 6.20 22.38
N LYS A 108 13.70 5.61 23.34
CA LYS A 108 14.39 4.80 24.38
C LYS A 108 15.13 3.65 23.70
N LYS A 109 14.49 2.98 22.72
CA LYS A 109 15.18 1.88 22.04
C LYS A 109 16.38 2.39 21.26
N ASP A 110 16.27 3.58 20.63
CA ASP A 110 17.43 4.13 19.92
C ASP A 110 18.59 4.36 20.87
N ILE A 111 18.30 4.79 22.10
CA ILE A 111 19.35 4.97 23.09
C ILE A 111 19.89 3.62 23.55
N LEU A 112 19.00 2.69 23.87
CA LEU A 112 19.45 1.38 24.35
C LEU A 112 20.26 0.65 23.29
N GLU A 113 19.88 0.79 22.02
CA GLU A 113 20.58 0.07 20.97
C GLU A 113 21.81 0.82 20.48
N GLY A 114 22.02 2.05 20.93
CA GLY A 114 23.21 2.78 20.54
C GLY A 114 23.11 3.49 19.20
N SER A 115 21.95 3.47 18.55
CA SER A 115 21.79 4.25 17.32
C SER A 115 21.94 5.73 17.59
N ILE A 116 21.58 6.17 18.80
CA ILE A 116 21.89 7.52 19.29
C ILE A 116 22.89 7.39 20.42
N PRO A 117 24.18 7.58 20.16
CA PRO A 117 25.18 7.40 21.22
C PRO A 117 25.02 8.42 22.34
N CYS A 118 25.41 8.02 23.53
CA CYS A 118 25.29 8.89 24.68
C CYS A 118 26.51 8.70 25.57
N THR A 119 26.91 9.79 26.24
CA THR A 119 27.90 9.67 27.29
C THR A 119 27.28 9.01 28.52
N LEU A 120 28.13 8.75 29.52
CA LEU A 120 27.62 8.22 30.80
C LEU A 120 26.75 9.32 31.42
N GLU A 121 27.21 10.58 31.40
CA GLU A 121 26.40 11.63 31.99
C GLU A 121 25.05 11.74 31.29
N GLN A 122 25.03 11.60 29.96
CA GLN A 122 23.75 11.70 29.26
C GLN A 122 22.84 10.53 29.62
N ALA A 123 23.40 9.32 29.69
CA ALA A 123 22.63 8.14 30.10
C ALA A 123 22.01 8.33 31.48
N ILE A 124 22.75 8.95 32.41
CA ILE A 124 22.25 9.20 33.76
C ILE A 124 21.06 10.16 33.73
N GLN A 125 21.24 11.31 33.07
CA GLN A 125 20.18 12.30 32.99
C GLN A 125 18.93 11.73 32.32
N LEU A 126 19.12 10.96 31.26
CA LEU A 126 17.96 10.38 30.57
C LEU A 126 17.29 9.33 31.43
N ALA A 127 18.10 8.51 32.12
CA ALA A 127 17.53 7.52 33.03
C ALA A 127 16.69 8.19 34.10
N GLY A 128 17.11 9.36 34.58
CA GLY A 128 16.35 10.03 35.63
C GLY A 128 14.95 10.40 35.19
N LEU A 129 14.81 10.93 33.98
CA LEU A 129 13.48 11.25 33.48
C LEU A 129 12.69 9.99 33.16
N ALA A 130 13.36 8.98 32.61
CA ALA A 130 12.65 7.78 32.19
C ALA A 130 12.11 7.01 33.39
N VAL A 131 12.85 6.95 34.51
CA VAL A 131 12.30 6.21 35.65
C VAL A 131 11.06 6.91 36.21
N GLN A 132 11.05 8.25 36.19
CA GLN A 132 9.85 9.01 36.61
C GLN A 132 8.69 8.74 35.66
N ALA A 133 8.96 8.74 34.35
CA ALA A 133 7.93 8.41 33.37
C ALA A 133 7.43 6.99 33.56
N ASP A 134 8.35 6.05 33.82
CA ASP A 134 8.00 4.63 33.76
C ASP A 134 7.50 4.08 35.09
N PHE A 135 7.91 4.67 36.21
CA PHE A 135 7.56 4.12 37.51
C PHE A 135 6.79 5.07 38.40
N GLY A 136 6.62 6.34 38.00
CA GLY A 136 5.95 7.28 38.86
C GLY A 136 6.90 7.84 39.89
N ASP A 137 6.33 8.44 40.93
CA ASP A 137 7.13 9.13 41.93
C ASP A 137 8.08 8.17 42.62
N PHE A 138 9.27 8.65 42.95
CA PHE A 138 10.25 7.88 43.72
C PHE A 138 9.66 7.36 45.03
N ASP A 139 10.02 6.12 45.38
CA ASP A 139 9.71 5.56 46.69
C ASP A 139 10.95 4.88 47.22
N GLN A 140 11.34 5.21 48.46
CA GLN A 140 12.58 4.66 49.00
C GLN A 140 12.54 3.14 49.05
N TYR A 141 11.36 2.54 49.21
CA TYR A 141 11.30 1.09 49.29
C TYR A 141 11.30 0.45 47.91
N GLU A 142 10.51 0.99 46.98
CA GLU A 142 10.52 0.51 45.60
C GLU A 142 11.89 0.71 44.94
N SER A 143 12.58 1.79 45.28
CA SER A 143 13.90 2.02 44.70
C SER A 143 14.88 0.92 45.10
N GLN A 144 14.92 0.54 46.38
CA GLN A 144 15.83 -0.52 46.81
C GLN A 144 15.42 -1.87 46.24
N ASP A 145 14.11 -2.12 46.10
CA ASP A 145 13.66 -3.33 45.42
C ASP A 145 14.12 -3.36 43.98
N PHE A 146 14.08 -2.21 43.31
CA PHE A 146 14.51 -2.15 41.92
C PHE A 146 15.94 -2.61 41.77
N LEU A 147 16.81 -2.22 42.71
CA LEU A 147 18.22 -2.60 42.66
C LEU A 147 18.41 -4.11 42.63
N GLN A 148 17.38 -4.88 42.99
CA GLN A 148 17.45 -6.34 42.97
C GLN A 148 16.73 -6.93 41.77
N LYS A 149 15.53 -6.47 41.47
CA LYS A 149 14.78 -6.96 40.31
C LYS A 149 15.56 -6.76 39.02
N PHE A 150 15.89 -5.51 38.70
CA PHE A 150 16.38 -5.17 37.37
C PHE A 150 17.70 -4.42 37.43
N ALA A 151 18.34 -4.36 36.27
CA ALA A 151 19.51 -3.51 36.08
C ALA A 151 19.06 -2.21 35.43
N LEU A 152 19.62 -1.11 35.90
CA LEU A 152 19.24 0.19 35.35
C LEU A 152 19.92 0.48 34.02
N PHE A 153 21.16 0.02 33.84
CA PHE A 153 21.89 0.28 32.60
C PHE A 153 22.02 -1.00 31.79
N PRO A 154 22.11 -0.92 30.46
CA PRO A 154 22.23 -2.13 29.65
C PRO A 154 23.46 -2.92 30.04
N VAL A 155 23.37 -4.25 29.88
CA VAL A 155 24.25 -5.18 30.56
C VAL A 155 25.73 -4.87 30.35
N GLY A 156 26.09 -4.32 29.20
CA GLY A 156 27.51 -4.09 28.93
C GLY A 156 28.00 -2.67 29.08
N TRP A 157 27.17 -1.74 29.53
CA TRP A 157 27.54 -0.33 29.46
C TRP A 157 28.53 0.07 30.56
N LEU A 158 28.27 -0.41 31.78
CA LEU A 158 29.12 -0.05 32.95
C LEU A 158 29.65 -1.34 33.59
N GLN A 159 30.86 -1.76 33.21
CA GLN A 159 31.46 -2.98 33.74
C GLN A 159 32.18 -2.77 35.05
N ASP A 160 32.22 -1.53 35.54
CA ASP A 160 33.03 -1.21 36.71
C ASP A 160 32.09 -1.00 37.90
N GLU A 161 32.24 -1.85 38.92
CA GLU A 161 31.26 -1.97 39.98
C GLU A 161 30.99 -0.62 40.66
N LYS A 162 32.05 0.08 41.06
CA LYS A 162 31.86 1.35 41.75
C LYS A 162 31.24 2.40 40.84
N VAL A 163 31.66 2.44 39.57
CA VAL A 163 31.06 3.37 38.62
C VAL A 163 29.57 3.11 38.47
N LEU A 164 29.19 1.84 38.31
CA LEU A 164 27.77 1.51 38.20
C LEU A 164 27.00 1.98 39.42
N GLU A 165 27.58 1.80 40.62
CA GLU A 165 26.89 2.13 41.86
C GLU A 165 26.65 3.63 41.99
N GLU A 166 27.66 4.44 41.68
CA GLU A 166 27.53 5.89 41.76
C GLU A 166 26.59 6.42 40.68
N ALA A 167 26.68 5.86 39.48
CA ALA A 167 25.74 6.19 38.42
C ALA A 167 24.31 5.89 38.85
N THR A 168 24.11 4.71 39.44
CA THR A 168 22.77 4.33 39.88
C THR A 168 22.28 5.27 40.96
N GLN A 169 23.13 5.58 41.94
CA GLN A 169 22.73 6.50 43.00
C GLN A 169 22.39 7.87 42.45
N LYS A 170 23.15 8.34 41.45
CA LYS A 170 22.84 9.62 40.80
C LYS A 170 21.46 9.58 40.14
N VAL A 171 21.13 8.49 39.45
CA VAL A 171 19.80 8.38 38.86
C VAL A 171 18.74 8.43 39.96
N ALA A 172 19.00 7.77 41.09
CA ALA A 172 18.04 7.79 42.19
C ALA A 172 17.81 9.22 42.68
N LEU A 173 18.89 9.98 42.86
CA LEU A 173 18.76 11.37 43.29
C LEU A 173 17.95 12.19 42.28
N LEU A 174 18.21 12.00 40.99
CA LEU A 174 17.41 12.70 39.97
C LEU A 174 15.95 12.26 40.03
N HIS A 175 15.68 10.97 40.24
CA HIS A 175 14.31 10.52 40.35
C HIS A 175 13.57 11.29 41.44
N GLN A 176 14.18 11.37 42.62
CA GLN A 176 13.55 12.10 43.73
C GLN A 176 13.28 13.56 43.36
N LYS A 177 14.19 14.19 42.63
CA LYS A 177 14.02 15.59 42.22
C LYS A 177 12.86 15.78 41.25
N TYR A 178 12.44 14.71 40.55
CA TYR A 178 11.35 14.79 39.59
C TYR A 178 10.00 14.42 40.18
N ARG A 179 9.88 14.31 41.50
CA ARG A 179 8.60 14.04 42.15
C ARG A 179 7.50 14.98 41.65
N GLY A 180 6.36 14.42 41.25
CA GLY A 180 5.24 15.21 40.80
C GLY A 180 5.11 15.35 39.29
N LEU A 181 6.14 15.00 38.54
CA LEU A 181 6.05 15.00 37.09
C LEU A 181 5.14 13.86 36.63
N THR A 182 4.10 14.18 35.85
CA THR A 182 3.27 13.14 35.26
C THR A 182 4.07 12.40 34.19
N ALA A 183 3.63 11.17 33.89
CA ALA A 183 4.30 10.38 32.87
C ALA A 183 4.35 11.09 31.52
N PRO A 184 3.25 11.65 30.99
CA PRO A 184 3.39 12.38 29.71
C PRO A 184 4.37 13.55 29.77
N ASP A 185 4.45 14.29 30.88
CA ASP A 185 5.40 15.40 30.96
C ASP A 185 6.84 14.88 31.02
N ALA A 186 7.10 13.86 31.83
CA ALA A 186 8.43 13.27 31.90
C ALA A 186 8.87 12.71 30.55
N GLU A 187 7.94 12.05 29.84
CA GLU A 187 8.25 11.53 28.51
C GLU A 187 8.60 12.66 27.54
N MET A 188 7.87 13.76 27.60
CA MET A 188 8.15 14.90 26.72
C MET A 188 9.53 15.50 27.03
N LEU A 189 9.84 15.68 28.31
CA LEU A 189 11.17 16.18 28.66
C LEU A 189 12.24 15.21 28.18
N TYR A 190 12.04 13.91 28.39
CA TYR A 190 12.97 12.91 27.85
C TYR A 190 13.16 13.05 26.35
N MET A 191 12.06 13.13 25.59
CA MET A 191 12.19 13.22 24.13
C MET A 191 12.79 14.54 23.70
N GLN A 192 12.56 15.62 24.45
CA GLN A 192 13.14 16.91 24.12
C GLN A 192 14.65 16.91 24.31
N GLU A 193 15.16 16.09 25.22
CA GLU A 193 16.60 15.96 25.31
C GLU A 193 17.15 15.07 24.19
N VAL A 194 16.49 13.94 23.91
CA VAL A 194 17.00 13.00 22.87
C VAL A 194 17.00 13.68 21.50
N GLU A 195 16.04 14.57 21.25
CA GLU A 195 15.91 15.23 19.93
C GLU A 195 17.13 16.12 19.64
N ARG A 196 17.83 16.60 20.66
CA ARG A 196 18.99 17.51 20.45
C ARG A 196 20.31 16.74 20.49
N MET A 197 20.28 15.41 20.44
CA MET A 197 21.47 14.59 20.53
C MET A 197 21.91 14.22 19.13
N ASP A 198 23.23 14.21 18.93
CA ASP A 198 23.75 13.83 17.62
C ASP A 198 23.41 12.39 17.34
N GLY A 199 22.99 12.13 16.10
CA GLY A 199 22.47 10.84 15.73
C GLY A 199 20.96 10.76 15.66
N TYR A 200 20.25 11.67 16.33
CA TYR A 200 18.79 11.62 16.33
C TYR A 200 18.26 11.86 14.93
N GLY A 201 17.41 10.95 14.46
CA GLY A 201 16.81 11.07 13.15
C GLY A 201 17.72 10.73 12.00
N GLU A 202 18.86 10.07 12.27
CA GLU A 202 19.80 9.68 11.23
C GLU A 202 19.71 8.18 10.99
N GLU A 203 19.70 7.79 9.72
CA GLU A 203 19.88 6.41 9.27
C GLU A 203 21.02 6.42 8.27
N SER A 204 22.04 5.60 8.50
CA SER A 204 23.20 5.60 7.61
C SER A 204 23.41 4.22 6.97
N TYR A 205 24.22 4.21 5.91
CA TYR A 205 24.52 3.04 5.10
C TYR A 205 25.93 3.17 4.56
N PRO A 206 26.66 2.05 4.41
CA PRO A 206 27.99 2.11 3.79
C PRO A 206 27.90 2.34 2.30
N ALA A 207 28.94 2.99 1.76
CA ALA A 207 29.01 3.30 0.33
C ALA A 207 30.44 3.76 0.02
N LYS A 208 30.71 3.95 -1.27
CA LYS A 208 31.96 4.55 -1.73
C LYS A 208 31.65 5.76 -2.60
N ASP A 209 32.45 6.81 -2.49
CA ASP A 209 32.24 7.99 -3.33
C ASP A 209 32.84 7.71 -4.71
N SER A 210 32.80 8.72 -5.59
CA SER A 210 33.27 8.55 -6.96
C SER A 210 34.77 8.34 -7.05
N GLN A 211 35.51 8.54 -5.97
CA GLN A 211 36.96 8.32 -5.96
C GLN A 211 37.35 6.98 -5.36
N GLY A 212 36.39 6.15 -4.93
CA GLY A 212 36.69 4.89 -4.30
C GLY A 212 36.80 4.92 -2.80
N SER A 213 36.71 6.10 -2.17
CA SER A 213 36.88 6.21 -0.72
C SER A 213 35.65 5.69 -0.01
N ASP A 214 35.87 5.15 1.19
CA ASP A 214 34.78 4.61 1.98
C ASP A 214 34.05 5.73 2.72
N ILE A 215 32.71 5.73 2.62
CA ILE A 215 31.89 6.79 3.20
C ILE A 215 30.70 6.17 3.91
N SER A 216 30.06 6.98 4.74
CA SER A 216 28.72 6.71 5.23
C SER A 216 27.78 7.76 4.65
N ILE A 217 26.67 7.30 4.08
CA ILE A 217 25.65 8.18 3.53
C ILE A 217 24.33 7.83 4.21
N GLY A 218 23.41 8.79 4.21
CA GLY A 218 22.12 8.54 4.80
C GLY A 218 21.25 9.77 4.75
N ALA A 219 20.09 9.65 5.40
CA ALA A 219 19.16 10.75 5.57
C ALA A 219 19.25 11.30 6.99
N CYS A 220 19.15 12.62 7.12
CA CYS A 220 19.04 13.28 8.41
C CYS A 220 17.90 14.29 8.31
N LEU A 221 17.64 14.98 9.44
CA LEU A 221 16.58 15.99 9.48
C LEU A 221 16.73 17.01 8.37
N GLU A 222 17.99 17.36 8.04
CA GLU A 222 18.30 18.47 7.14
C GLU A 222 18.47 18.07 5.68
N GLY A 223 18.76 16.81 5.38
CA GLY A 223 18.93 16.38 3.99
C GLY A 223 19.64 15.05 3.92
N ILE A 224 20.41 14.86 2.83
CA ILE A 224 21.25 13.68 2.65
C ILE A 224 22.66 14.02 3.11
N PHE A 225 23.25 13.18 3.97
CA PHE A 225 24.57 13.45 4.50
C PHE A 225 25.61 12.48 3.96
N VAL A 226 26.86 12.93 3.95
CA VAL A 226 28.00 12.12 3.54
C VAL A 226 29.10 12.32 4.56
N LYS A 227 29.54 11.22 5.18
CA LYS A 227 30.62 11.22 6.14
C LYS A 227 31.80 10.46 5.55
N HIS A 228 32.97 11.09 5.50
CA HIS A 228 34.20 10.41 5.11
C HIS A 228 34.93 9.91 6.34
N LYS A 229 35.82 8.91 6.15
CA LYS A 229 36.54 8.38 7.30
C LYS A 229 37.41 9.46 7.93
N ASN A 230 37.81 10.46 7.13
CA ASN A 230 38.45 11.68 7.64
C ASN A 230 37.78 12.20 8.90
N GLY A 231 36.45 12.31 8.88
CA GLY A 231 35.73 13.14 9.81
C GLY A 231 36.02 14.62 9.68
N ARG A 232 36.98 14.99 8.84
CA ARG A 232 37.40 16.39 8.74
C ARG A 232 36.32 17.26 8.12
N HIS A 233 35.57 16.72 7.17
CA HIS A 233 34.52 17.49 6.49
C HIS A 233 33.30 16.60 6.26
N PRO A 234 32.31 16.67 7.14
CA PRO A 234 31.01 16.10 6.81
C PRO A 234 30.22 17.08 5.96
N VAL A 235 29.43 16.53 5.05
CA VAL A 235 28.66 17.30 4.10
C VAL A 235 27.19 16.92 4.24
N VAL A 236 26.31 17.91 4.13
CA VAL A 236 24.88 17.66 4.04
C VAL A 236 24.34 18.36 2.80
N PHE A 237 23.61 17.62 1.98
CA PHE A 237 22.85 18.18 0.87
C PHE A 237 21.43 18.42 1.38
N ARG A 238 21.09 19.68 1.60
CA ARG A 238 19.79 20.04 2.16
C ARG A 238 18.67 19.66 1.20
N TRP A 239 17.51 19.29 1.78
CA TRP A 239 16.39 18.82 0.98
C TRP A 239 16.03 19.83 -0.09
N HIS A 240 16.00 21.12 0.27
CA HIS A 240 15.62 22.16 -0.66
C HIS A 240 16.56 22.27 -1.86
N ASP A 241 17.81 21.82 -1.72
CA ASP A 241 18.81 21.92 -2.77
C ASP A 241 18.86 20.70 -3.68
N ILE A 242 18.14 19.64 -3.34
CA ILE A 242 18.19 18.38 -4.08
C ILE A 242 17.13 18.43 -5.18
N ALA A 243 17.58 18.48 -6.43
CA ALA A 243 16.66 18.53 -7.57
C ALA A 243 16.13 17.15 -7.96
N ASN A 244 16.93 16.10 -7.78
CA ASN A 244 16.52 14.75 -8.19
C ASN A 244 17.38 13.74 -7.44
N MET A 245 16.90 12.49 -7.43
CA MET A 245 17.60 11.35 -6.83
C MET A 245 17.28 10.12 -7.65
N SER A 246 18.25 9.23 -7.80
CA SER A 246 18.03 8.06 -8.64
C SER A 246 18.80 6.88 -8.10
N HIS A 247 18.46 5.69 -8.59
CA HIS A 247 19.29 4.51 -8.41
C HIS A 247 19.42 3.81 -9.75
N ASN A 248 20.58 3.19 -9.96
CA ASN A 248 20.84 2.45 -11.19
C ASN A 248 21.94 1.47 -10.89
N LYS A 249 21.67 0.18 -11.08
CA LYS A 249 22.55 -0.89 -10.60
C LYS A 249 22.93 -0.57 -9.15
N SER A 250 24.20 -0.64 -8.78
CA SER A 250 24.61 -0.47 -7.39
C SER A 250 24.72 0.99 -6.97
N PHE A 251 24.38 1.93 -7.83
CA PHE A 251 24.66 3.33 -7.54
C PHE A 251 23.40 4.06 -7.08
N PHE A 252 23.56 4.90 -6.07
CA PHE A 252 22.54 5.87 -5.66
C PHE A 252 23.09 7.25 -5.96
N ALA A 253 22.28 8.09 -6.62
CA ALA A 253 22.80 9.36 -7.12
C ALA A 253 21.89 10.53 -6.75
N LEU A 254 22.52 11.69 -6.58
CA LEU A 254 21.87 12.96 -6.27
C LEU A 254 22.14 13.96 -7.39
N GLU A 255 21.11 14.72 -7.76
CA GLU A 255 21.27 15.93 -8.57
C GLU A 255 20.96 17.14 -7.70
N LEU A 256 21.89 18.09 -7.67
CA LEU A 256 21.72 19.31 -6.89
C LEU A 256 21.24 20.44 -7.78
N ALA A 257 20.39 21.30 -7.21
CA ALA A 257 19.85 22.42 -7.99
C ALA A 257 20.93 23.37 -8.49
N ASN A 258 21.99 23.56 -7.71
CA ASN A 258 23.03 24.56 -8.00
C ASN A 258 24.20 23.97 -8.76
N LYS A 259 24.10 22.74 -9.24
CA LYS A 259 25.26 22.03 -9.77
C LYS A 259 24.81 21.13 -10.91
N GLU A 260 25.41 21.30 -12.08
CA GLU A 260 25.16 20.38 -13.18
C GLU A 260 25.98 19.10 -13.06
N GLU A 261 26.81 18.98 -12.03
CA GLU A 261 27.52 17.74 -11.74
C GLU A 261 26.71 16.94 -10.73
N THR A 262 26.28 15.75 -11.12
CA THR A 262 25.57 14.87 -10.19
C THR A 262 26.58 14.18 -9.30
N ILE A 263 26.13 13.76 -8.11
CA ILE A 263 26.97 13.08 -7.14
C ILE A 263 26.54 11.63 -7.07
N GLN A 264 27.51 10.73 -7.23
CA GLN A 264 27.25 9.31 -7.32
C GLN A 264 27.84 8.61 -6.12
N PHE A 265 27.04 7.73 -5.50
CA PHE A 265 27.50 6.86 -4.42
C PHE A 265 27.30 5.42 -4.84
N GLN A 266 28.34 4.61 -4.69
CA GLN A 266 28.28 3.19 -5.03
C GLN A 266 27.88 2.42 -3.77
N THR A 267 26.82 1.63 -3.87
CA THR A 267 26.39 0.84 -2.72
C THR A 267 26.79 -0.62 -2.92
N GLU A 268 26.42 -1.46 -1.96
CA GLU A 268 26.83 -2.85 -2.01
C GLU A 268 26.14 -3.63 -3.13
N ASP A 269 24.89 -3.24 -3.44
CA ASP A 269 23.96 -4.03 -4.22
C ASP A 269 23.12 -3.14 -5.12
N MET A 270 22.62 -3.73 -6.21
CA MET A 270 21.48 -3.14 -6.92
C MET A 270 20.27 -3.01 -6.00
N GLU A 271 19.99 -4.06 -5.22
CA GLU A 271 18.84 -4.05 -4.32
C GLU A 271 19.04 -3.08 -3.16
N THR A 272 20.27 -2.92 -2.71
CA THR A 272 20.56 -1.97 -1.65
C THR A 272 20.41 -0.55 -2.16
N ALA A 273 20.96 -0.27 -3.35
CA ALA A 273 20.79 1.03 -3.98
C ALA A 273 19.30 1.38 -4.11
N LYS A 274 18.51 0.44 -4.61
CA LYS A 274 17.07 0.68 -4.75
C LYS A 274 16.43 0.94 -3.38
N TYR A 275 16.83 0.20 -2.35
CA TYR A 275 16.25 0.40 -1.02
C TYR A 275 16.63 1.76 -0.45
N ILE A 276 17.91 2.12 -0.55
CA ILE A 276 18.37 3.41 -0.03
C ILE A 276 17.67 4.55 -0.76
N TRP A 277 17.56 4.43 -2.09
CA TRP A 277 16.86 5.44 -2.87
C TRP A 277 15.43 5.58 -2.40
N ARG A 278 14.76 4.47 -2.15
CA ARG A 278 13.35 4.52 -1.78
C ARG A 278 13.16 5.19 -0.42
N LEU A 279 14.01 4.88 0.55
CA LEU A 279 13.85 5.54 1.85
C LEU A 279 14.21 7.02 1.76
N CYS A 280 15.22 7.36 0.96
CA CYS A 280 15.62 8.76 0.83
C CYS A 280 14.55 9.57 0.12
N VAL A 281 13.91 8.98 -0.91
CA VAL A 281 12.81 9.65 -1.58
C VAL A 281 11.62 9.84 -0.65
N ALA A 282 11.29 8.81 0.15
CA ALA A 282 10.18 8.94 1.09
C ALA A 282 10.48 10.01 2.14
N ARG A 283 11.73 10.06 2.61
CA ARG A 283 12.07 11.08 3.60
C ARG A 283 12.08 12.47 2.99
N HIS A 284 12.60 12.62 1.77
CA HIS A 284 12.50 13.89 1.07
C HIS A 284 11.05 14.37 0.97
N LYS A 285 10.14 13.46 0.59
CA LYS A 285 8.72 13.80 0.53
C LYS A 285 8.16 14.21 1.88
N PHE A 286 8.58 13.51 2.95
CA PHE A 286 8.07 13.81 4.28
C PHE A 286 8.51 15.19 4.74
N TYR A 287 9.81 15.48 4.65
CA TYR A 287 10.32 16.77 5.09
C TYR A 287 9.87 17.90 4.18
N ARG A 288 9.48 17.60 2.94
CA ARG A 288 8.80 18.59 2.10
C ARG A 288 7.46 18.96 2.73
N LEU A 289 6.65 17.96 3.06
CA LEU A 289 5.38 18.22 3.72
C LEU A 289 5.59 18.80 5.12
N ASN A 290 6.51 18.23 5.90
CA ASN A 290 6.59 18.60 7.31
C ASN A 290 7.16 19.99 7.51
N GLN A 291 8.25 20.33 6.80
CA GLN A 291 8.86 21.65 6.94
C GLN A 291 7.84 22.76 6.74
N SER B 4 -44.48 -3.70 -24.94
CA SER B 4 -44.54 -4.87 -24.03
C SER B 4 -43.31 -5.77 -24.25
N CYS B 5 -42.69 -5.70 -25.44
CA CYS B 5 -41.54 -6.57 -25.75
C CYS B 5 -40.34 -5.74 -26.22
N LEU B 6 -39.13 -6.10 -25.76
CA LEU B 6 -37.91 -5.36 -26.18
C LEU B 6 -36.95 -6.33 -26.88
N VAL B 7 -36.55 -6.03 -28.12
CA VAL B 7 -35.53 -6.87 -28.80
C VAL B 7 -34.19 -6.48 -28.18
N ALA B 8 -33.67 -7.30 -27.26
CA ALA B 8 -32.47 -6.91 -26.54
C ALA B 8 -31.24 -7.55 -27.18
N ARG B 9 -30.10 -7.37 -26.54
CA ARG B 9 -28.84 -7.89 -27.04
C ARG B 9 -27.89 -8.01 -25.86
N ILE B 10 -27.12 -9.09 -25.83
CA ILE B 10 -26.09 -9.26 -24.81
C ILE B 10 -24.78 -9.62 -25.49
N GLN B 11 -23.70 -8.98 -25.04
CA GLN B 11 -22.37 -9.37 -25.42
C GLN B 11 -21.78 -10.20 -24.29
N LEU B 12 -21.39 -11.43 -24.60
CA LEU B 12 -20.75 -12.28 -23.60
C LEU B 12 -19.28 -11.92 -23.50
N LEU B 13 -18.61 -12.53 -22.50
CA LEU B 13 -17.22 -12.20 -22.24
C LEU B 13 -16.28 -12.69 -23.32
N ASN B 14 -16.73 -13.60 -24.19
CA ASN B 14 -15.96 -13.93 -25.39
C ASN B 14 -16.31 -13.00 -26.56
N ASN B 15 -16.85 -11.82 -26.26
CA ASN B 15 -17.24 -10.80 -27.22
C ASN B 15 -18.31 -11.27 -28.20
N GLU B 16 -18.90 -12.43 -27.94
CA GLU B 16 -20.02 -12.89 -28.75
C GLU B 16 -21.27 -12.09 -28.43
N PHE B 17 -22.06 -11.79 -29.46
CA PHE B 17 -23.34 -11.11 -29.31
C PHE B 17 -24.48 -12.12 -29.40
N VAL B 18 -25.48 -11.97 -28.54
CA VAL B 18 -26.61 -12.89 -28.49
C VAL B 18 -27.90 -12.08 -28.35
N GLU B 19 -28.79 -12.20 -29.35
CA GLU B 19 -30.08 -11.52 -29.32
C GLU B 19 -31.12 -12.37 -28.61
N PHE B 20 -32.10 -11.68 -28.02
CA PHE B 20 -33.13 -12.29 -27.20
C PHE B 20 -34.18 -11.24 -26.89
N THR B 21 -35.45 -11.66 -26.85
CA THR B 21 -36.53 -10.74 -26.57
C THR B 21 -36.77 -10.64 -25.06
N LEU B 22 -37.34 -9.52 -24.65
CA LEU B 22 -37.46 -9.19 -23.24
C LEU B 22 -38.92 -8.88 -22.91
N SER B 23 -39.49 -9.63 -21.98
CA SER B 23 -40.85 -9.35 -21.54
C SER B 23 -40.85 -8.16 -20.59
N VAL B 24 -42.06 -7.68 -20.29
CA VAL B 24 -42.20 -6.54 -19.38
C VAL B 24 -41.78 -6.91 -17.97
N GLU B 25 -42.00 -8.16 -17.56
CA GLU B 25 -41.74 -8.60 -16.21
C GLU B 25 -40.36 -9.22 -16.03
N SER B 26 -39.58 -9.37 -17.10
CA SER B 26 -38.25 -9.96 -16.98
C SER B 26 -37.37 -9.09 -16.10
N THR B 27 -36.86 -9.68 -15.02
CA THR B 27 -36.04 -8.93 -14.08
C THR B 27 -34.56 -9.12 -14.38
N GLY B 28 -33.74 -8.30 -13.73
CA GLY B 28 -32.30 -8.36 -13.95
C GLY B 28 -31.71 -9.67 -13.47
N GLN B 29 -32.11 -10.12 -12.27
CA GLN B 29 -31.65 -11.42 -11.79
C GLN B 29 -32.06 -12.54 -12.72
N GLU B 30 -33.21 -12.38 -13.39
CA GLU B 30 -33.70 -13.40 -14.30
C GLU B 30 -32.79 -13.56 -15.50
N SER B 31 -32.54 -12.45 -16.22
CA SER B 31 -31.66 -12.49 -17.37
C SER B 31 -30.24 -12.93 -16.98
N LEU B 32 -29.74 -12.43 -15.86
CA LEU B 32 -28.45 -12.90 -15.36
C LEU B 32 -28.47 -14.41 -15.11
N GLU B 33 -29.56 -14.90 -14.51
CA GLU B 33 -29.68 -16.32 -14.23
C GLU B 33 -29.60 -17.14 -15.53
N ALA B 34 -30.26 -16.66 -16.59
CA ALA B 34 -30.19 -17.36 -17.87
C ALA B 34 -28.77 -17.41 -18.40
N VAL B 35 -28.00 -16.33 -18.21
CA VAL B 35 -26.64 -16.32 -18.73
C VAL B 35 -25.80 -17.37 -18.01
N ALA B 36 -25.98 -17.50 -16.70
CA ALA B 36 -25.28 -18.55 -15.97
C ALA B 36 -25.68 -19.93 -16.45
N GLN B 37 -26.97 -20.13 -16.76
CA GLN B 37 -27.40 -21.40 -17.35
C GLN B 37 -26.70 -21.67 -18.67
N ARG B 38 -26.63 -20.67 -19.56
CA ARG B 38 -26.00 -20.88 -20.85
C ARG B 38 -24.51 -21.18 -20.71
N LEU B 39 -23.87 -20.65 -19.68
CA LEU B 39 -22.45 -20.90 -19.42
C LEU B 39 -22.21 -22.05 -18.46
N GLU B 40 -23.27 -22.65 -17.90
CA GLU B 40 -23.15 -23.65 -16.85
C GLU B 40 -22.29 -23.12 -15.70
N LEU B 41 -22.52 -21.87 -15.32
CA LEU B 41 -21.72 -21.19 -14.32
C LEU B 41 -22.44 -21.26 -12.98
N ARG B 42 -21.76 -21.79 -11.97
CA ARG B 42 -22.35 -22.00 -10.65
C ARG B 42 -22.02 -20.88 -9.66
N GLU B 43 -20.83 -20.27 -9.75
CA GLU B 43 -20.46 -19.15 -8.87
C GLU B 43 -20.85 -17.86 -9.59
N VAL B 44 -22.14 -17.57 -9.57
CA VAL B 44 -22.65 -16.43 -10.33
C VAL B 44 -22.52 -15.11 -9.57
N THR B 45 -22.35 -15.16 -8.25
CA THR B 45 -22.42 -13.96 -7.45
C THR B 45 -21.38 -12.91 -7.83
N TYR B 46 -20.26 -13.32 -8.44
CA TYR B 46 -19.26 -12.35 -8.87
C TYR B 46 -19.68 -11.56 -10.11
N PHE B 47 -20.73 -12.00 -10.80
CA PHE B 47 -21.04 -11.52 -12.13
C PHE B 47 -22.38 -10.81 -12.15
N SER B 48 -22.53 -9.89 -13.09
CA SER B 48 -23.80 -9.22 -13.30
C SER B 48 -23.87 -8.71 -14.74
N LEU B 49 -24.78 -7.77 -14.99
CA LEU B 49 -25.00 -7.18 -16.30
C LEU B 49 -24.91 -5.67 -16.16
N TRP B 50 -24.30 -5.03 -17.15
CA TRP B 50 -24.25 -3.58 -17.20
C TRP B 50 -24.63 -3.09 -18.60
N TYR B 51 -24.98 -1.81 -18.66
CA TYR B 51 -25.28 -1.13 -19.91
C TYR B 51 -24.66 0.26 -19.89
N TYR B 52 -24.50 0.83 -21.09
CA TYR B 52 -24.13 2.24 -21.22
C TYR B 52 -25.37 3.10 -21.06
N ASN B 53 -25.37 4.01 -20.08
CA ASN B 53 -26.54 4.84 -19.91
C ASN B 53 -26.54 5.95 -20.96
N LYS B 54 -27.59 6.78 -20.90
CA LYS B 54 -27.75 7.81 -21.92
C LYS B 54 -26.63 8.84 -21.91
N GLN B 55 -25.87 8.92 -20.82
CA GLN B 55 -24.70 9.78 -20.76
C GLN B 55 -23.42 9.02 -21.08
N ASN B 56 -23.55 7.76 -21.51
CA ASN B 56 -22.45 6.90 -21.95
C ASN B 56 -21.54 6.44 -20.80
N GLN B 57 -22.06 6.39 -19.58
CA GLN B 57 -21.35 5.77 -18.48
C GLN B 57 -21.89 4.37 -18.22
N ARG B 58 -21.03 3.51 -17.70
CA ARG B 58 -21.42 2.14 -17.38
C ARG B 58 -22.29 2.14 -16.13
N ARG B 59 -23.41 1.42 -16.20
CA ARG B 59 -24.30 1.22 -15.05
C ARG B 59 -24.60 -0.26 -14.93
N TRP B 60 -24.32 -0.83 -13.76
CA TRP B 60 -24.76 -2.18 -13.45
C TRP B 60 -26.28 -2.18 -13.24
N VAL B 61 -26.95 -3.18 -13.81
CA VAL B 61 -28.40 -3.21 -13.74
C VAL B 61 -28.87 -3.52 -12.32
N ASP B 62 -30.03 -2.98 -11.95
CA ASP B 62 -30.69 -3.40 -10.71
C ASP B 62 -31.27 -4.78 -10.94
N LEU B 63 -30.69 -5.78 -10.27
CA LEU B 63 -31.02 -7.16 -10.58
C LEU B 63 -32.44 -7.53 -10.15
N GLU B 64 -32.96 -6.91 -9.09
CA GLU B 64 -34.27 -7.27 -8.56
C GLU B 64 -35.41 -6.44 -9.15
N LYS B 65 -35.13 -5.60 -10.15
CA LYS B 65 -36.08 -4.78 -10.84
C LYS B 65 -36.23 -5.24 -12.30
N PRO B 66 -37.37 -4.97 -12.94
CA PRO B 66 -37.55 -5.42 -14.33
C PRO B 66 -36.53 -4.80 -15.28
N LEU B 67 -35.97 -5.63 -16.16
CA LEU B 67 -34.86 -5.20 -17.01
C LEU B 67 -35.31 -4.30 -18.15
N LYS B 68 -36.47 -4.58 -18.75
CA LYS B 68 -36.92 -3.77 -19.88
C LYS B 68 -37.03 -2.31 -19.51
N LYS B 69 -37.64 -2.02 -18.35
CA LYS B 69 -37.85 -0.64 -17.91
C LYS B 69 -36.51 0.08 -17.74
N GLN B 70 -35.50 -0.62 -17.19
CA GLN B 70 -34.20 0.00 -16.99
C GLN B 70 -33.60 0.45 -18.31
N LEU B 71 -33.47 -0.48 -19.26
CA LEU B 71 -32.91 -0.11 -20.56
C LEU B 71 -33.70 0.99 -21.25
N ASP B 72 -35.01 1.04 -21.00
CA ASP B 72 -35.84 2.03 -21.68
C ASP B 72 -35.58 3.44 -21.16
N LYS B 73 -35.47 3.59 -19.83
CA LYS B 73 -35.29 4.92 -19.26
C LYS B 73 -33.84 5.39 -19.29
N TYR B 74 -32.89 4.47 -19.40
CA TYR B 74 -31.50 4.85 -19.10
C TYR B 74 -30.50 4.44 -20.18
N ALA B 75 -30.74 3.35 -20.90
CA ALA B 75 -29.76 2.80 -21.81
C ALA B 75 -29.83 3.47 -23.18
N LEU B 76 -28.66 3.62 -23.82
CA LEU B 76 -28.62 4.20 -25.16
C LEU B 76 -29.16 3.22 -26.20
N GLU B 77 -28.85 1.94 -26.04
CA GLU B 77 -29.33 0.86 -26.88
C GLU B 77 -29.70 -0.31 -25.97
N PRO B 78 -30.62 -1.18 -26.41
CA PRO B 78 -30.94 -2.36 -25.60
C PRO B 78 -29.85 -3.43 -25.66
N THR B 79 -28.64 -3.05 -25.27
CA THR B 79 -27.54 -4.00 -25.17
C THR B 79 -27.02 -4.03 -23.74
N VAL B 80 -26.95 -5.22 -23.16
CA VAL B 80 -26.31 -5.45 -21.87
C VAL B 80 -25.01 -6.19 -22.10
N TYR B 81 -24.12 -6.11 -21.11
CA TYR B 81 -22.83 -6.78 -21.15
C TYR B 81 -22.63 -7.63 -19.91
N PHE B 82 -22.31 -8.90 -20.12
CA PHE B 82 -21.95 -9.77 -19.01
C PHE B 82 -20.57 -9.39 -18.48
N GLY B 83 -20.43 -9.27 -17.16
CA GLY B 83 -19.12 -8.93 -16.63
C GLY B 83 -19.01 -9.18 -15.14
N VAL B 84 -17.79 -9.02 -14.63
CA VAL B 84 -17.52 -9.19 -13.21
C VAL B 84 -17.84 -7.92 -12.45
N VAL B 85 -18.69 -8.02 -11.42
CA VAL B 85 -19.05 -6.86 -10.64
C VAL B 85 -18.26 -6.88 -9.34
N PHE B 86 -17.90 -8.06 -8.86
CA PHE B 86 -17.17 -8.19 -7.61
C PHE B 86 -15.84 -8.87 -7.91
N TYR B 87 -14.75 -8.09 -7.90
CA TYR B 87 -13.43 -8.64 -8.16
C TYR B 87 -12.81 -9.19 -6.87
N VAL B 88 -12.48 -10.48 -6.85
CA VAL B 88 -11.84 -11.07 -5.68
C VAL B 88 -10.42 -10.55 -5.58
N PRO B 89 -9.85 -10.42 -4.38
CA PRO B 89 -8.43 -10.00 -4.30
C PRO B 89 -7.46 -11.09 -4.72
N SER B 90 -7.81 -12.36 -4.59
CA SER B 90 -7.00 -13.46 -5.11
C SER B 90 -7.92 -14.40 -5.89
N VAL B 91 -7.61 -14.59 -7.17
CA VAL B 91 -8.41 -15.50 -7.98
C VAL B 91 -8.28 -16.95 -7.51
N SER B 92 -7.33 -17.23 -6.60
CA SER B 92 -7.26 -18.56 -6.03
C SER B 92 -8.51 -18.92 -5.21
N GLN B 93 -9.36 -17.95 -4.86
CA GLN B 93 -10.59 -18.29 -4.15
C GLN B 93 -11.67 -18.84 -5.06
N LEU B 94 -11.64 -18.54 -6.35
CA LEU B 94 -12.63 -19.08 -7.27
C LEU B 94 -12.50 -20.60 -7.32
N GLN B 95 -13.62 -21.31 -7.20
CA GLN B 95 -13.59 -22.76 -7.00
C GLN B 95 -13.72 -23.58 -8.29
N GLN B 96 -14.50 -23.13 -9.26
CA GLN B 96 -14.85 -23.95 -10.42
C GLN B 96 -14.05 -23.50 -11.62
N GLU B 97 -13.67 -24.45 -12.49
CA GLU B 97 -12.89 -24.06 -13.66
C GLU B 97 -13.70 -23.16 -14.58
N ILE B 98 -15.01 -23.35 -14.66
CA ILE B 98 -15.85 -22.46 -15.45
C ILE B 98 -15.77 -21.05 -14.90
N THR B 99 -15.82 -20.90 -13.57
CA THR B 99 -15.72 -19.59 -12.95
C THR B 99 -14.41 -18.92 -13.31
N ARG B 100 -13.29 -19.63 -13.13
CA ARG B 100 -11.99 -19.06 -13.41
C ARG B 100 -11.88 -18.63 -14.87
N TYR B 101 -12.38 -19.47 -15.78
CA TYR B 101 -12.29 -19.16 -17.21
C TYR B 101 -13.07 -17.90 -17.54
N GLN B 102 -14.28 -17.73 -16.97
CA GLN B 102 -15.01 -16.50 -17.23
C GLN B 102 -14.29 -15.30 -16.64
N TYR B 103 -13.68 -15.47 -15.45
CA TYR B 103 -12.90 -14.39 -14.86
C TYR B 103 -11.71 -14.03 -15.75
N TYR B 104 -11.06 -15.05 -16.30
CA TYR B 104 -9.93 -14.84 -17.20
C TYR B 104 -10.35 -14.04 -18.42
N LEU B 105 -11.46 -14.42 -19.06
CA LEU B 105 -11.99 -13.62 -20.17
C LEU B 105 -12.20 -12.16 -19.76
N GLN B 106 -12.73 -11.93 -18.55
CA GLN B 106 -12.94 -10.55 -18.10
C GLN B 106 -11.63 -9.83 -17.87
N LEU B 107 -10.68 -10.50 -17.22
CA LEU B 107 -9.41 -9.82 -16.93
C LEU B 107 -8.66 -9.54 -18.22
N LYS B 108 -8.76 -10.45 -19.20
CA LYS B 108 -8.08 -10.17 -20.48
C LYS B 108 -8.74 -8.99 -21.19
N LYS B 109 -10.07 -8.88 -21.10
CA LYS B 109 -10.72 -7.71 -21.65
C LYS B 109 -10.29 -6.44 -20.93
N ASP B 110 -10.17 -6.49 -19.60
CA ASP B 110 -9.69 -5.33 -18.84
C ASP B 110 -8.30 -4.88 -19.32
N ILE B 111 -7.43 -5.84 -19.62
CA ILE B 111 -6.10 -5.50 -20.12
C ILE B 111 -6.19 -4.91 -21.53
N LEU B 112 -6.86 -5.64 -22.44
CA LEU B 112 -6.84 -5.28 -23.86
C LEU B 112 -7.63 -4.01 -24.14
N GLU B 113 -8.63 -3.70 -23.32
CA GLU B 113 -9.34 -2.45 -23.51
C GLU B 113 -8.61 -1.31 -22.83
N GLY B 114 -7.60 -1.59 -22.03
CA GLY B 114 -6.81 -0.55 -21.41
C GLY B 114 -7.27 -0.12 -20.03
N SER B 115 -8.27 -0.78 -19.44
CA SER B 115 -8.76 -0.26 -18.16
C SER B 115 -7.86 -0.63 -16.99
N ILE B 116 -7.02 -1.65 -17.14
CA ILE B 116 -5.88 -1.88 -16.26
C ILE B 116 -4.64 -1.54 -17.06
N PRO B 117 -3.99 -0.41 -16.83
CA PRO B 117 -2.84 -0.04 -17.66
C PRO B 117 -1.67 -0.98 -17.46
N CYS B 118 -0.93 -1.22 -18.54
CA CYS B 118 0.24 -2.12 -18.48
C CYS B 118 1.36 -1.60 -19.39
N THR B 119 2.59 -2.01 -19.09
CA THR B 119 3.74 -1.65 -19.90
C THR B 119 3.83 -2.60 -21.08
N LEU B 120 4.72 -2.27 -22.01
CA LEU B 120 5.02 -3.15 -23.14
C LEU B 120 5.44 -4.52 -22.64
N GLU B 121 6.39 -4.57 -21.70
CA GLU B 121 6.88 -5.87 -21.22
C GLU B 121 5.76 -6.70 -20.57
N GLN B 122 4.92 -6.07 -19.75
CA GLN B 122 3.78 -6.79 -19.17
C GLN B 122 2.82 -7.27 -20.23
N ALA B 123 2.50 -6.40 -21.20
CA ALA B 123 1.60 -6.80 -22.27
C ALA B 123 2.14 -7.99 -23.05
N ILE B 124 3.46 -8.03 -23.27
CA ILE B 124 4.06 -9.19 -23.95
C ILE B 124 3.95 -10.43 -23.07
N GLN B 125 4.29 -10.29 -21.79
CA GLN B 125 4.21 -11.43 -20.88
C GLN B 125 2.80 -11.98 -20.81
N LEU B 126 1.81 -11.10 -20.73
CA LEU B 126 0.42 -11.50 -20.64
C LEU B 126 -0.03 -12.17 -21.93
N ALA B 127 0.30 -11.56 -23.08
CA ALA B 127 -0.12 -12.14 -24.36
C ALA B 127 0.50 -13.53 -24.55
N GLY B 128 1.75 -13.71 -24.13
CA GLY B 128 2.34 -15.04 -24.18
C GLY B 128 1.51 -16.08 -23.46
N LEU B 129 1.09 -15.78 -22.23
CA LEU B 129 0.26 -16.74 -21.49
C LEU B 129 -1.11 -16.91 -22.15
N ALA B 130 -1.74 -15.80 -22.59
CA ALA B 130 -3.05 -15.89 -23.24
C ALA B 130 -2.98 -16.74 -24.52
N VAL B 131 -1.95 -16.54 -25.33
CA VAL B 131 -1.82 -17.36 -26.54
C VAL B 131 -1.70 -18.84 -26.17
N GLN B 132 -0.86 -19.15 -25.18
CA GLN B 132 -0.78 -20.55 -24.77
C GLN B 132 -2.13 -21.06 -24.26
N ALA B 133 -2.83 -20.24 -23.47
CA ALA B 133 -4.15 -20.64 -22.96
C ALA B 133 -5.15 -20.81 -24.09
N ASP B 134 -5.18 -19.86 -25.05
CA ASP B 134 -6.28 -19.85 -26.02
C ASP B 134 -6.02 -20.80 -27.20
N PHE B 135 -4.76 -21.03 -27.57
CA PHE B 135 -4.45 -21.83 -28.74
C PHE B 135 -3.77 -23.15 -28.43
N GLY B 136 -3.23 -23.33 -27.24
CA GLY B 136 -2.53 -24.54 -26.92
C GLY B 136 -1.11 -24.51 -27.46
N ASP B 137 -0.47 -25.66 -27.45
CA ASP B 137 0.94 -25.77 -27.84
C ASP B 137 1.18 -25.24 -29.24
N PHE B 138 2.23 -24.43 -29.39
CA PHE B 138 2.53 -23.82 -30.68
C PHE B 138 2.76 -24.85 -31.77
N ASP B 139 3.32 -26.01 -31.43
CA ASP B 139 3.68 -27.00 -32.44
C ASP B 139 2.52 -27.92 -32.80
N GLN B 140 1.28 -27.54 -32.45
CA GLN B 140 0.06 -28.15 -32.99
C GLN B 140 -0.39 -27.50 -34.29
N TYR B 141 0.29 -26.45 -34.74
CA TYR B 141 -0.15 -25.64 -35.87
C TYR B 141 0.89 -25.72 -36.98
N GLU B 142 0.42 -25.84 -38.23
CA GLU B 142 1.31 -25.78 -39.39
C GLU B 142 2.13 -24.49 -39.39
N SER B 143 1.47 -23.34 -39.19
CA SER B 143 2.20 -22.07 -39.02
C SER B 143 1.66 -21.30 -37.83
N GLN B 144 2.55 -20.55 -37.17
CA GLN B 144 2.11 -19.63 -36.12
C GLN B 144 1.48 -18.34 -36.67
N ASP B 145 1.07 -18.34 -37.95
CA ASP B 145 0.49 -17.15 -38.56
C ASP B 145 -0.81 -16.67 -37.88
N PHE B 146 -1.40 -17.44 -36.97
CA PHE B 146 -2.60 -16.97 -36.31
C PHE B 146 -2.33 -15.81 -35.33
N LEU B 147 -1.09 -15.67 -34.85
CA LEU B 147 -0.75 -14.55 -33.96
C LEU B 147 -1.09 -13.22 -34.61
N GLN B 148 -1.01 -13.15 -35.94
CA GLN B 148 -1.20 -11.94 -36.71
C GLN B 148 -2.67 -11.55 -36.82
N LYS B 149 -3.59 -12.47 -36.52
CA LYS B 149 -5.00 -12.27 -36.82
C LYS B 149 -5.84 -11.89 -35.60
N PHE B 150 -5.24 -11.88 -34.41
CA PHE B 150 -5.96 -11.55 -33.19
C PHE B 150 -5.21 -10.45 -32.45
N ALA B 151 -5.95 -9.55 -31.79
CA ALA B 151 -5.30 -8.44 -31.09
C ALA B 151 -4.58 -8.98 -29.85
N LEU B 152 -3.27 -8.76 -29.79
CA LEU B 152 -2.46 -9.28 -28.70
C LEU B 152 -2.29 -8.28 -27.57
N PHE B 153 -2.32 -6.99 -27.91
CA PHE B 153 -1.96 -5.96 -26.91
C PHE B 153 -3.04 -4.88 -26.78
N PRO B 154 -3.00 -4.05 -25.72
CA PRO B 154 -3.92 -2.94 -25.60
C PRO B 154 -3.65 -1.92 -26.72
N VAL B 155 -4.68 -1.19 -27.15
CA VAL B 155 -4.51 -0.18 -28.22
C VAL B 155 -4.43 1.21 -27.57
N GLY B 156 -3.76 2.15 -28.25
CA GLY B 156 -3.71 3.53 -27.72
C GLY B 156 -2.28 4.01 -27.56
N TRP B 157 -1.34 3.08 -27.41
CA TRP B 157 0.06 3.49 -27.13
C TRP B 157 1.05 2.63 -27.92
N LEU B 158 0.59 1.79 -28.84
CA LEU B 158 1.61 1.05 -29.58
C LEU B 158 1.60 1.40 -31.07
N GLN B 159 1.71 2.67 -31.39
CA GLN B 159 1.74 3.03 -32.80
C GLN B 159 3.09 2.78 -33.45
N ASP B 160 4.11 2.41 -32.68
CA ASP B 160 5.44 2.23 -33.24
C ASP B 160 5.48 0.86 -33.91
N GLU B 161 5.49 0.83 -35.23
CA GLU B 161 5.35 -0.43 -35.95
C GLU B 161 6.54 -1.35 -35.70
N LYS B 162 7.74 -0.80 -35.57
CA LYS B 162 8.89 -1.66 -35.31
C LYS B 162 8.82 -2.25 -33.92
N VAL B 163 8.47 -1.44 -32.93
CA VAL B 163 8.29 -1.96 -31.58
C VAL B 163 7.20 -3.03 -31.55
N LEU B 164 6.10 -2.80 -32.27
CA LEU B 164 5.04 -3.81 -32.30
C LEU B 164 5.51 -5.11 -32.96
N GLU B 165 6.37 -5.00 -33.99
CA GLU B 165 6.94 -6.20 -34.62
C GLU B 165 7.73 -7.02 -33.63
N GLU B 166 8.68 -6.40 -32.93
CA GLU B 166 9.46 -7.15 -31.95
C GLU B 166 8.60 -7.66 -30.80
N ALA B 167 7.67 -6.84 -30.31
CA ALA B 167 6.75 -7.35 -29.30
C ALA B 167 6.07 -8.63 -29.77
N THR B 168 5.56 -8.63 -31.00
CA THR B 168 4.87 -9.80 -31.53
C THR B 168 5.82 -11.00 -31.63
N GLN B 169 7.05 -10.76 -32.05
CA GLN B 169 8.04 -11.84 -32.10
C GLN B 169 8.32 -12.39 -30.71
N LYS B 170 8.38 -11.48 -29.72
CA LYS B 170 8.62 -11.93 -28.35
C LYS B 170 7.45 -12.75 -27.82
N VAL B 171 6.21 -12.38 -28.17
CA VAL B 171 5.06 -13.19 -27.78
C VAL B 171 5.15 -14.60 -28.38
N ALA B 172 5.52 -14.69 -29.67
CA ALA B 172 5.70 -16.02 -30.28
C ALA B 172 6.78 -16.83 -29.57
N LEU B 173 7.91 -16.22 -29.23
CA LEU B 173 8.95 -16.93 -28.48
C LEU B 173 8.44 -17.38 -27.10
N LEU B 174 7.76 -16.50 -26.36
CA LEU B 174 7.19 -16.92 -25.08
C LEU B 174 6.22 -18.07 -25.27
N HIS B 175 5.38 -18.00 -26.31
CA HIS B 175 4.43 -19.09 -26.59
C HIS B 175 5.16 -20.42 -26.78
N GLN B 176 6.26 -20.39 -27.53
CA GLN B 176 7.09 -21.59 -27.68
C GLN B 176 7.63 -22.06 -26.34
N LYS B 177 8.10 -21.14 -25.48
CA LYS B 177 8.64 -21.54 -24.18
C LYS B 177 7.56 -22.11 -23.26
N TYR B 178 6.29 -21.81 -23.50
CA TYR B 178 5.18 -22.26 -22.66
C TYR B 178 4.52 -23.54 -23.16
N ARG B 179 5.15 -24.21 -24.12
CA ARG B 179 4.65 -25.51 -24.58
C ARG B 179 4.49 -26.46 -23.39
N GLY B 180 3.34 -27.15 -23.32
CA GLY B 180 3.01 -28.01 -22.20
C GLY B 180 2.21 -27.36 -21.07
N LEU B 181 2.18 -26.03 -21.01
CA LEU B 181 1.37 -25.35 -19.99
C LEU B 181 -0.09 -25.54 -20.33
N THR B 182 -0.85 -26.21 -19.45
CA THR B 182 -2.26 -26.46 -19.73
C THR B 182 -3.02 -25.13 -19.70
N ALA B 183 -4.21 -25.14 -20.31
CA ALA B 183 -5.00 -23.92 -20.39
C ALA B 183 -5.39 -23.40 -19.02
N PRO B 184 -5.89 -24.21 -18.08
CA PRO B 184 -6.20 -23.63 -16.76
C PRO B 184 -4.98 -23.08 -16.04
N ASP B 185 -3.79 -23.64 -16.26
CA ASP B 185 -2.58 -23.12 -15.62
C ASP B 185 -2.18 -21.77 -16.19
N ALA B 186 -2.10 -21.68 -17.53
CA ALA B 186 -1.79 -20.40 -18.16
C ALA B 186 -2.81 -19.33 -17.79
N GLU B 187 -4.09 -19.70 -17.74
CA GLU B 187 -5.11 -18.70 -17.38
C GLU B 187 -4.90 -18.23 -15.95
N MET B 188 -4.58 -19.16 -15.03
CA MET B 188 -4.39 -18.77 -13.64
C MET B 188 -3.17 -17.87 -13.47
N LEU B 189 -2.08 -18.16 -14.19
CA LEU B 189 -0.93 -17.28 -14.20
C LEU B 189 -1.30 -15.90 -14.74
N TYR B 190 -2.00 -15.89 -15.88
CA TYR B 190 -2.50 -14.64 -16.44
C TYR B 190 -3.20 -13.81 -15.37
N MET B 191 -4.13 -14.44 -14.66
CA MET B 191 -4.97 -13.71 -13.71
C MET B 191 -4.17 -13.27 -12.50
N GLN B 192 -3.28 -14.13 -12.01
CA GLN B 192 -2.47 -13.81 -10.85
C GLN B 192 -1.53 -12.64 -11.12
N GLU B 193 -1.10 -12.50 -12.38
CA GLU B 193 -0.33 -11.34 -12.78
C GLU B 193 -1.19 -10.08 -12.86
N VAL B 194 -2.39 -10.20 -13.44
CA VAL B 194 -3.27 -9.04 -13.57
C VAL B 194 -3.74 -8.57 -12.18
N GLU B 195 -4.05 -9.50 -11.29
CA GLU B 195 -4.61 -9.11 -10.00
C GLU B 195 -3.64 -8.28 -9.17
N ARG B 196 -2.35 -8.32 -9.47
CA ARG B 196 -1.36 -7.48 -8.77
C ARG B 196 -1.18 -6.12 -9.40
N MET B 197 -1.86 -5.86 -10.51
CA MET B 197 -1.58 -4.59 -11.22
C MET B 197 -2.47 -3.44 -10.73
N ASP B 198 -1.90 -2.25 -10.65
CA ASP B 198 -2.63 -1.04 -10.27
C ASP B 198 -3.83 -0.88 -11.18
N GLY B 199 -4.97 -0.53 -10.59
CA GLY B 199 -6.21 -0.45 -11.32
C GLY B 199 -7.05 -1.72 -11.30
N TYR B 200 -6.47 -2.86 -10.93
CA TYR B 200 -7.25 -4.10 -10.93
C TYR B 200 -8.42 -3.97 -9.97
N GLY B 201 -9.60 -4.33 -10.45
CA GLY B 201 -10.80 -4.31 -9.62
C GLY B 201 -11.28 -2.95 -9.24
N GLU B 202 -10.72 -1.87 -9.81
CA GLU B 202 -11.05 -0.53 -9.40
C GLU B 202 -12.13 0.02 -10.33
N GLU B 203 -13.27 0.38 -9.76
CA GLU B 203 -14.38 0.95 -10.51
C GLU B 203 -14.75 2.26 -9.83
N SER B 204 -14.83 3.28 -10.68
CA SER B 204 -15.10 4.63 -10.14
C SER B 204 -16.22 5.31 -10.90
N TYR B 205 -16.88 6.21 -10.15
CA TYR B 205 -18.08 6.91 -10.65
C TYR B 205 -17.94 8.45 -10.52
N PRO B 206 -18.38 9.29 -11.49
CA PRO B 206 -18.17 10.75 -11.45
C PRO B 206 -18.99 11.44 -10.36
N ALA B 207 -18.32 12.31 -9.62
CA ALA B 207 -18.99 13.25 -8.74
C ALA B 207 -18.11 14.48 -8.63
N LYS B 208 -18.52 15.41 -7.77
CA LYS B 208 -17.76 16.62 -7.53
C LYS B 208 -17.56 16.76 -6.04
N ASP B 209 -16.30 16.98 -5.63
CA ASP B 209 -16.03 17.20 -4.21
C ASP B 209 -16.47 18.61 -3.82
N SER B 210 -16.49 18.86 -2.51
CA SER B 210 -17.02 20.11 -1.98
C SER B 210 -16.31 21.34 -2.52
N GLN B 211 -15.09 21.19 -3.02
CA GLN B 211 -14.36 22.30 -3.65
C GLN B 211 -14.74 22.49 -5.11
N GLY B 212 -15.79 21.82 -5.58
CA GLY B 212 -16.21 21.93 -6.96
C GLY B 212 -15.30 21.25 -7.97
N SER B 213 -14.24 20.59 -7.52
CA SER B 213 -13.41 19.81 -8.41
C SER B 213 -14.11 18.49 -8.77
N ASP B 214 -13.81 17.98 -9.96
CA ASP B 214 -14.46 16.80 -10.51
C ASP B 214 -13.65 15.55 -10.15
N ILE B 215 -14.24 14.66 -9.34
CA ILE B 215 -13.51 13.51 -8.84
C ILE B 215 -14.09 12.20 -9.35
N SER B 216 -13.41 11.10 -9.01
CA SER B 216 -13.90 9.74 -9.34
C SER B 216 -13.97 9.02 -7.99
N ILE B 217 -15.10 8.43 -7.65
CA ILE B 217 -15.33 7.86 -6.33
C ILE B 217 -15.72 6.39 -6.49
N GLY B 218 -15.23 5.56 -5.58
CA GLY B 218 -15.49 4.15 -5.67
C GLY B 218 -15.21 3.46 -4.35
N ALA B 219 -15.47 2.16 -4.31
CA ALA B 219 -15.23 1.34 -3.14
C ALA B 219 -14.13 0.33 -3.44
N CYS B 220 -13.23 0.16 -2.48
CA CYS B 220 -12.17 -0.84 -2.55
C CYS B 220 -12.12 -1.58 -1.23
N LEU B 221 -11.30 -2.63 -1.18
CA LEU B 221 -11.11 -3.40 0.04
C LEU B 221 -10.84 -2.48 1.23
N GLU B 222 -10.01 -1.46 1.03
CA GLU B 222 -9.62 -0.59 2.14
C GLU B 222 -10.71 0.39 2.54
N GLY B 223 -11.62 0.73 1.64
CA GLY B 223 -12.64 1.69 1.97
C GLY B 223 -13.16 2.39 0.73
N ILE B 224 -13.47 3.67 0.89
CA ILE B 224 -13.97 4.50 -0.19
C ILE B 224 -12.81 5.34 -0.71
N PHE B 225 -12.51 5.22 -2.00
CA PHE B 225 -11.41 5.95 -2.60
C PHE B 225 -11.93 7.07 -3.48
N VAL B 226 -11.16 8.15 -3.55
CA VAL B 226 -11.49 9.33 -4.34
C VAL B 226 -10.31 9.61 -5.25
N LYS B 227 -10.51 9.51 -6.55
CA LYS B 227 -9.49 9.83 -7.55
C LYS B 227 -9.75 11.23 -8.12
N HIS B 228 -8.67 11.88 -8.53
CA HIS B 228 -8.78 13.20 -9.20
C HIS B 228 -8.14 13.02 -10.58
N LYS B 229 -8.85 13.37 -11.64
CA LYS B 229 -8.29 13.27 -13.02
C LYS B 229 -7.07 14.19 -13.14
N ASN B 230 -7.15 15.39 -12.54
CA ASN B 230 -5.98 16.32 -12.56
C ASN B 230 -4.82 15.63 -11.85
N GLY B 231 -5.10 14.91 -10.77
CA GLY B 231 -4.04 14.15 -10.07
C GLY B 231 -3.59 14.88 -8.82
N ARG B 232 -4.53 15.49 -8.09
CA ARG B 232 -4.16 16.13 -6.83
C ARG B 232 -3.50 15.13 -5.89
N HIS B 233 -4.25 14.11 -5.47
CA HIS B 233 -3.82 13.12 -4.49
C HIS B 233 -4.91 12.07 -4.30
N PRO B 234 -4.75 10.86 -4.84
CA PRO B 234 -5.68 9.77 -4.50
C PRO B 234 -5.75 9.55 -3.00
N VAL B 235 -6.96 9.42 -2.49
CA VAL B 235 -7.21 9.27 -1.07
C VAL B 235 -8.14 8.08 -0.87
N VAL B 236 -7.98 7.39 0.27
CA VAL B 236 -8.91 6.34 0.67
C VAL B 236 -9.43 6.67 2.05
N PHE B 237 -10.75 6.66 2.20
CA PHE B 237 -11.39 6.69 3.51
C PHE B 237 -11.61 5.25 3.95
N ARG B 238 -10.92 4.84 5.02
CA ARG B 238 -10.95 3.45 5.47
C ARG B 238 -12.32 3.10 6.04
N TRP B 239 -12.80 1.88 5.74
CA TRP B 239 -14.15 1.47 6.13
C TRP B 239 -14.39 1.69 7.61
N HIS B 240 -13.40 1.32 8.43
CA HIS B 240 -13.49 1.43 9.87
C HIS B 240 -13.67 2.88 10.32
N ASP B 241 -13.36 3.85 9.48
CA ASP B 241 -13.57 5.26 9.79
C ASP B 241 -14.86 5.82 9.23
N ILE B 242 -15.60 5.04 8.45
CA ILE B 242 -16.85 5.49 7.84
C ILE B 242 -18.01 4.95 8.67
N ALA B 243 -18.66 5.85 9.43
CA ALA B 243 -19.76 5.44 10.29
C ALA B 243 -21.04 5.20 9.50
N ASN B 244 -21.25 5.96 8.43
CA ASN B 244 -22.41 5.76 7.57
C ASN B 244 -22.12 6.36 6.21
N MET B 245 -22.90 5.93 5.22
CA MET B 245 -22.87 6.44 3.85
C MET B 245 -24.30 6.78 3.47
N SER B 246 -24.49 7.85 2.69
CA SER B 246 -25.82 8.38 2.46
C SER B 246 -25.95 8.92 1.04
N HIS B 247 -27.21 8.99 0.57
CA HIS B 247 -27.57 9.50 -0.76
C HIS B 247 -28.74 10.47 -0.67
N ASN B 248 -28.59 11.50 0.14
CA ASN B 248 -29.65 12.49 0.26
C ASN B 248 -29.64 13.41 -0.96
N LYS B 249 -30.75 13.45 -1.69
CA LYS B 249 -30.89 14.31 -2.87
C LYS B 249 -29.76 13.95 -3.84
N SER B 250 -29.09 14.93 -4.41
CA SER B 250 -28.03 14.73 -5.39
C SER B 250 -26.67 14.46 -4.74
N PHE B 251 -26.63 14.18 -3.43
CA PHE B 251 -25.39 14.07 -2.67
C PHE B 251 -25.14 12.62 -2.26
N PHE B 252 -23.92 12.13 -2.51
CA PHE B 252 -23.39 10.93 -1.86
C PHE B 252 -22.36 11.37 -0.82
N ALA B 253 -22.53 10.90 0.42
CA ALA B 253 -21.79 11.47 1.53
C ALA B 253 -21.29 10.40 2.49
N LEU B 254 -20.18 10.70 3.15
CA LEU B 254 -19.59 9.86 4.18
C LEU B 254 -19.72 10.55 5.52
N GLU B 255 -20.43 9.92 6.45
CA GLU B 255 -20.49 10.38 7.84
C GLU B 255 -19.32 9.72 8.54
N LEU B 256 -18.21 10.44 8.65
CA LEU B 256 -16.99 9.89 9.23
C LEU B 256 -17.17 9.64 10.73
N ALA B 257 -16.67 8.49 11.18
CA ALA B 257 -16.70 8.19 12.60
C ALA B 257 -15.73 9.10 13.34
N ASN B 258 -15.92 9.18 14.66
CA ASN B 258 -15.07 9.95 15.57
C ASN B 258 -15.03 11.43 15.22
N LYS B 259 -15.92 11.90 14.34
CA LYS B 259 -15.79 13.24 13.79
C LYS B 259 -17.16 13.83 13.53
N GLU B 260 -17.21 15.16 13.50
CA GLU B 260 -18.28 15.89 12.86
C GLU B 260 -18.14 15.88 11.35
N GLU B 261 -16.98 15.48 10.84
CA GLU B 261 -16.70 15.53 9.41
C GLU B 261 -17.69 14.66 8.62
N THR B 262 -18.41 15.32 7.72
CA THR B 262 -19.22 14.65 6.71
C THR B 262 -18.64 15.03 5.36
N ILE B 263 -18.06 14.07 4.65
CA ILE B 263 -17.46 14.31 3.35
C ILE B 263 -18.55 14.14 2.31
N GLN B 264 -18.92 15.24 1.64
CA GLN B 264 -20.04 15.26 0.72
C GLN B 264 -19.56 15.36 -0.72
N PHE B 265 -20.23 14.61 -1.60
CA PHE B 265 -19.91 14.57 -3.03
C PHE B 265 -21.18 14.82 -3.83
N GLN B 266 -21.13 15.79 -4.73
CA GLN B 266 -22.25 16.14 -5.58
C GLN B 266 -22.23 15.28 -6.84
N THR B 267 -23.32 14.55 -7.08
CA THR B 267 -23.48 13.79 -8.31
C THR B 267 -24.41 14.55 -9.26
N GLU B 268 -24.44 14.16 -10.54
CA GLU B 268 -25.25 14.96 -11.51
C GLU B 268 -26.74 14.62 -11.41
N ASP B 269 -27.10 13.60 -10.64
CA ASP B 269 -28.47 13.08 -10.58
C ASP B 269 -28.78 12.68 -9.15
N MET B 270 -30.05 12.80 -8.76
CA MET B 270 -30.49 12.03 -7.60
C MET B 270 -30.37 10.54 -7.88
N GLU B 271 -30.63 10.13 -9.12
CA GLU B 271 -30.46 8.73 -9.50
C GLU B 271 -29.01 8.28 -9.35
N THR B 272 -28.07 9.15 -9.68
CA THR B 272 -26.68 8.73 -9.63
C THR B 272 -26.20 8.59 -8.19
N ALA B 273 -26.61 9.51 -7.31
CA ALA B 273 -26.20 9.37 -5.92
C ALA B 273 -26.74 8.08 -5.31
N LYS B 274 -27.94 7.67 -5.72
CA LYS B 274 -28.47 6.41 -5.18
C LYS B 274 -27.72 5.22 -5.74
N TYR B 275 -27.34 5.27 -7.02
CA TYR B 275 -26.61 4.18 -7.64
C TYR B 275 -25.23 4.02 -6.99
N ILE B 276 -24.48 5.13 -6.87
CA ILE B 276 -23.18 5.07 -6.19
C ILE B 276 -23.33 4.46 -4.81
N TRP B 277 -24.33 4.88 -4.05
CA TRP B 277 -24.54 4.34 -2.71
C TRP B 277 -24.78 2.84 -2.76
N ARG B 278 -25.68 2.39 -3.65
CA ARG B 278 -25.99 0.97 -3.73
C ARG B 278 -24.76 0.14 -4.10
N LEU B 279 -23.95 0.64 -5.04
CA LEU B 279 -22.79 -0.12 -5.48
C LEU B 279 -21.70 -0.16 -4.40
N CYS B 280 -21.51 0.94 -3.69
CA CYS B 280 -20.50 0.94 -2.63
C CYS B 280 -20.94 0.07 -1.48
N VAL B 281 -22.25 0.10 -1.14
CA VAL B 281 -22.76 -0.77 -0.09
C VAL B 281 -22.61 -2.23 -0.50
N ALA B 282 -22.97 -2.55 -1.74
CA ALA B 282 -22.84 -3.93 -2.21
C ALA B 282 -21.39 -4.38 -2.17
N ARG B 283 -20.46 -3.52 -2.57
CA ARG B 283 -19.06 -3.91 -2.51
C ARG B 283 -18.57 -4.02 -1.07
N HIS B 284 -19.04 -3.14 -0.19
CA HIS B 284 -18.76 -3.31 1.23
C HIS B 284 -19.19 -4.69 1.72
N LYS B 285 -20.40 -5.11 1.33
CA LYS B 285 -20.86 -6.43 1.74
C LYS B 285 -19.97 -7.51 1.18
N PHE B 286 -19.55 -7.36 -0.08
CA PHE B 286 -18.70 -8.35 -0.69
C PHE B 286 -17.37 -8.46 0.04
N TYR B 287 -16.74 -7.32 0.35
CA TYR B 287 -15.44 -7.38 1.03
C TYR B 287 -15.60 -7.91 2.45
N ARG B 288 -16.70 -7.56 3.12
CA ARG B 288 -16.96 -8.10 4.45
C ARG B 288 -17.13 -9.61 4.40
N LEU B 289 -17.75 -10.11 3.34
CA LEU B 289 -17.91 -11.55 3.18
C LEU B 289 -16.57 -12.26 2.98
N ASN B 290 -15.51 -11.51 2.64
CA ASN B 290 -14.18 -12.07 2.44
C ASN B 290 -13.22 -11.71 3.57
N GLN B 291 -13.57 -12.08 4.80
CA GLN B 291 -12.77 -11.73 5.99
C GLN B 291 -12.62 -10.21 6.13
C1 MPD C . 16.04 5.16 29.62
C2 MPD C . 17.20 4.95 28.65
O2 MPD C . 17.68 6.24 28.21
CM MPD C . 16.68 4.22 27.41
C3 MPD C . 18.30 4.12 29.32
C4 MPD C . 19.59 4.85 29.74
O4 MPD C . 19.49 6.26 29.83
C5 MPD C . 20.14 4.26 31.04
C1 MPD D . 16.58 4.86 40.10
C2 MPD D . 16.12 3.85 41.16
O2 MPD D . 15.80 4.54 42.41
CM MPD D . 17.23 2.86 41.45
C3 MPD D . 14.92 3.06 40.64
C4 MPD D . 13.53 3.54 41.04
O4 MPD D . 13.55 4.87 41.53
C5 MPD D . 12.58 3.35 39.85
C1 MPD E . -7.25 -19.85 -37.41
C2 MPD E . -6.66 -21.09 -36.76
O2 MPD E . -7.09 -21.18 -35.39
CM MPD E . -5.14 -20.94 -36.74
C3 MPD E . -7.12 -22.34 -37.52
C4 MPD E . -6.31 -23.59 -37.19
O4 MPD E . -6.94 -24.27 -36.14
C5 MPD E . -6.21 -24.53 -38.39
#